data_6PLF
#
_entry.id   6PLF
#
_cell.length_a   43.202
_cell.length_b   126.192
_cell.length_c   59.504
_cell.angle_alpha   90.000
_cell.angle_beta   99.760
_cell.angle_gamma   90.000
#
_symmetry.space_group_name_H-M   'P 1 21 1'
#
loop_
_entity.id
_entity.type
_entity.pdbx_description
1 polymer 'D-3-phosphoglycerate dehydrogenase'
2 non-polymer '4-{(1S)-1-[(5-chloro-6-{[(5S)-2-oxo-1,3-oxazolidin-5-yl]methoxy}-1H-indole-2-carbonyl)amino]-2-hydroxyethyl}benzoic acid'
3 non-polymer 1,2-ETHANEDIOL
4 water water
#
_entity_poly.entity_id   1
_entity_poly.type   'polypeptide(L)'
_entity_poly.pdbx_seq_one_letter_code
;SMANLRKVLISDSLDPCCRKILQDGGLQVVEKQNLSKEELIAELQDCEGLIVRSATKVTADVINAAEKLQVVGRAGTGVD
NVDLEAATRKGILVMNTPNGNSLSAAELTCGMIMCLARQIPQATASMKDGKWERKKFMGTELNGKTLGILGLGRIGREVA
TRMQSFGMKTIGYDPIISPEVSASFGVQQLPLEEIWPLCDFITVHTPLLPSTTGLLNDNTFAQCKKGVRVVNCARGGIVD
EGALLRALQSGQCAGAALDVFTEEPPRDRALVDHENVISCPHLGASTKEAQSRCGEEIAVQFVDMVKGKSLTGV
;
_entity_poly.pdbx_strand_id   A,B
#
loop_
_chem_comp.id
_chem_comp.type
_chem_comp.name
_chem_comp.formula
EDO non-polymer 1,2-ETHANEDIOL 'C2 H6 O2'
ONV non-polymer '4-{(1S)-1-[(5-chloro-6-{[(5S)-2-oxo-1,3-oxazolidin-5-yl]methoxy}-1H-indole-2-carbonyl)amino]-2-hydroxyethyl}benzoic acid' 'C22 H20 Cl N3 O7'
#
# COMPACT_ATOMS: atom_id res chain seq x y z
N ASN A 4 -45.64 10.37 -9.26
CA ASN A 4 -44.23 10.73 -8.91
C ASN A 4 -43.53 9.46 -8.39
N LEU A 5 -42.38 9.62 -7.71
CA LEU A 5 -41.51 8.50 -7.28
C LEU A 5 -42.24 7.64 -6.23
N ARG A 6 -42.62 6.42 -6.61
CA ARG A 6 -43.25 5.41 -5.72
C ARG A 6 -42.91 4.02 -6.27
N LYS A 7 -42.57 3.09 -5.39
CA LYS A 7 -41.96 1.76 -5.71
C LYS A 7 -40.58 1.95 -6.39
N VAL A 8 -39.57 1.24 -5.87
CA VAL A 8 -38.18 1.17 -6.42
C VAL A 8 -37.73 -0.30 -6.42
N LEU A 9 -37.26 -0.80 -7.57
CA LEU A 9 -36.57 -2.12 -7.70
C LEU A 9 -35.05 -1.95 -7.49
N ILE A 10 -34.47 -2.88 -6.73
CA ILE A 10 -32.99 -3.07 -6.56
C ILE A 10 -32.61 -4.35 -7.33
N SER A 11 -31.84 -4.21 -8.42
CA SER A 11 -31.54 -5.27 -9.43
C SER A 11 -30.17 -5.92 -9.19
N ASP A 12 -29.32 -5.32 -8.36
CA ASP A 12 -28.01 -5.89 -7.94
C ASP A 12 -27.97 -6.00 -6.42
N SER A 13 -26.94 -6.68 -5.90
CA SER A 13 -26.71 -6.94 -4.46
C SER A 13 -25.91 -5.77 -3.84
N LEU A 14 -26.55 -5.06 -2.90
CA LEU A 14 -25.94 -3.99 -2.08
C LEU A 14 -26.63 -3.99 -0.70
N ASP A 15 -25.94 -3.48 0.32
CA ASP A 15 -26.29 -3.63 1.77
C ASP A 15 -27.78 -3.36 2.00
N PRO A 16 -28.45 -4.14 2.88
CA PRO A 16 -29.83 -3.86 3.28
C PRO A 16 -30.10 -2.48 3.90
N CYS A 17 -29.07 -1.67 4.13
CA CYS A 17 -29.19 -0.25 4.57
C CYS A 17 -29.92 0.57 3.49
N CYS A 18 -29.78 0.17 2.21
CA CYS A 18 -30.45 0.79 1.03
C CYS A 18 -31.97 0.62 1.14
N ARG A 19 -32.47 -0.62 1.16
CA ARG A 19 -33.92 -0.94 1.33
C ARG A 19 -34.45 -0.19 2.56
N LYS A 20 -33.69 -0.24 3.67
CA LYS A 20 -34.11 0.24 5.01
C LYS A 20 -34.50 1.72 4.93
N ILE A 21 -33.67 2.54 4.27
CA ILE A 21 -33.84 4.01 4.19
C ILE A 21 -34.98 4.35 3.21
N LEU A 22 -35.17 3.53 2.17
CA LEU A 22 -36.17 3.77 1.09
C LEU A 22 -37.59 3.65 1.68
N GLN A 23 -37.91 2.56 2.37
CA GLN A 23 -39.28 2.31 2.91
C GLN A 23 -39.56 3.27 4.08
N ASP A 24 -38.55 3.59 4.88
CA ASP A 24 -38.63 4.61 5.98
C ASP A 24 -39.14 5.95 5.43
N GLY A 25 -38.89 6.25 4.15
CA GLY A 25 -39.29 7.51 3.49
C GLY A 25 -40.50 7.35 2.59
N GLY A 26 -41.28 6.28 2.77
CA GLY A 26 -42.61 6.11 2.14
C GLY A 26 -42.57 5.15 0.96
N LEU A 27 -41.44 5.10 0.24
CA LEU A 27 -41.29 4.30 -1.01
C LEU A 27 -41.58 2.82 -0.72
N GLN A 28 -42.33 2.16 -1.61
CA GLN A 28 -42.37 0.68 -1.69
C GLN A 28 -41.03 0.22 -2.28
N VAL A 29 -40.58 -0.97 -1.89
CA VAL A 29 -39.28 -1.54 -2.34
C VAL A 29 -39.48 -3.01 -2.71
N VAL A 30 -38.76 -3.45 -3.75
CA VAL A 30 -38.58 -4.86 -4.21
C VAL A 30 -37.07 -5.06 -4.39
N GLU A 31 -36.55 -6.30 -4.31
CA GLU A 31 -35.09 -6.58 -4.36
C GLU A 31 -34.77 -7.80 -5.23
N LYS A 32 -34.48 -7.59 -6.51
CA LYS A 32 -34.10 -8.65 -7.47
C LYS A 32 -32.57 -8.71 -7.60
N GLN A 33 -32.04 -9.81 -8.14
CA GLN A 33 -30.57 -10.04 -8.30
C GLN A 33 -30.26 -10.66 -9.68
N ASN A 34 -29.09 -10.33 -10.24
CA ASN A 34 -28.65 -10.76 -11.59
C ASN A 34 -29.67 -10.26 -12.63
N LEU A 35 -30.67 -11.08 -12.96
CA LEU A 35 -31.83 -10.76 -13.84
C LEU A 35 -31.36 -10.51 -15.28
N SER A 36 -31.83 -11.32 -16.23
CA SER A 36 -31.51 -11.23 -17.68
C SER A 36 -32.30 -10.09 -18.33
N LYS A 37 -31.84 -9.63 -19.50
CA LYS A 37 -32.33 -8.42 -20.24
C LYS A 37 -33.85 -8.39 -20.32
N GLU A 38 -34.48 -9.56 -20.49
CA GLU A 38 -35.96 -9.71 -20.53
C GLU A 38 -36.53 -9.66 -19.11
N GLU A 39 -35.87 -10.34 -18.15
CA GLU A 39 -36.31 -10.51 -16.75
C GLU A 39 -36.61 -9.16 -16.10
N LEU A 40 -35.63 -8.25 -16.14
CA LEU A 40 -35.61 -6.94 -15.43
C LEU A 40 -36.88 -6.14 -15.77
N ILE A 41 -37.23 -6.07 -17.06
CA ILE A 41 -38.30 -5.19 -17.62
C ILE A 41 -39.66 -5.57 -17.02
N ALA A 42 -39.86 -6.87 -16.73
CA ALA A 42 -41.11 -7.43 -16.13
C ALA A 42 -41.29 -6.95 -14.68
N GLU A 43 -40.20 -6.60 -14.00
CA GLU A 43 -40.21 -6.00 -12.64
C GLU A 43 -40.51 -4.50 -12.79
N LEU A 44 -39.92 -3.87 -13.81
CA LEU A 44 -39.95 -2.41 -14.05
C LEU A 44 -41.32 -1.97 -14.59
N GLN A 45 -42.20 -2.94 -14.90
CA GLN A 45 -43.61 -2.70 -15.31
C GLN A 45 -44.23 -1.64 -14.40
N ASP A 46 -44.06 -1.82 -13.09
CA ASP A 46 -44.80 -1.14 -12.00
C ASP A 46 -43.87 -0.19 -11.23
N CYS A 47 -42.64 0.05 -11.72
CA CYS A 47 -41.54 0.71 -10.97
C CYS A 47 -41.13 2.05 -11.61
N GLU A 48 -41.10 3.12 -10.81
CA GLU A 48 -40.57 4.47 -11.17
C GLU A 48 -39.04 4.51 -11.01
N GLY A 49 -38.48 3.59 -10.21
CA GLY A 49 -37.09 3.65 -9.72
C GLY A 49 -36.37 2.32 -9.89
N LEU A 50 -35.11 2.37 -10.35
CA LEU A 50 -34.20 1.21 -10.48
C LEU A 50 -32.84 1.59 -9.87
N ILE A 51 -32.44 0.89 -8.81
CA ILE A 51 -31.11 1.01 -8.17
C ILE A 51 -30.25 -0.16 -8.65
N VAL A 52 -29.11 0.14 -9.26
CA VAL A 52 -28.08 -0.84 -9.73
C VAL A 52 -26.80 -0.65 -8.92
N ARG A 53 -25.90 -1.63 -8.98
CA ARG A 53 -24.47 -1.41 -8.69
C ARG A 53 -23.76 -1.41 -10.06
N SER A 54 -22.95 -2.44 -10.35
N SER A 54 -22.96 -2.45 -10.33
CA SER A 54 -22.03 -2.51 -11.51
CA SER A 54 -22.01 -2.54 -11.47
C SER A 54 -22.48 -3.55 -12.55
C SER A 54 -22.52 -3.53 -12.54
N ALA A 55 -23.07 -4.66 -12.09
CA ALA A 55 -23.37 -5.85 -12.92
C ALA A 55 -24.53 -5.60 -13.90
N THR A 56 -25.69 -5.16 -13.38
CA THR A 56 -26.90 -4.86 -14.19
C THR A 56 -26.55 -3.75 -15.20
N LYS A 57 -26.63 -4.07 -16.50
CA LYS A 57 -26.48 -3.09 -17.60
C LYS A 57 -27.84 -2.43 -17.83
N VAL A 58 -27.87 -1.09 -17.87
CA VAL A 58 -29.08 -0.28 -18.20
C VAL A 58 -28.82 0.37 -19.55
N THR A 59 -29.02 -0.43 -20.60
CA THR A 59 -28.81 -0.08 -22.03
C THR A 59 -30.02 0.66 -22.59
N ALA A 60 -29.83 1.38 -23.69
CA ALA A 60 -30.89 2.06 -24.48
C ALA A 60 -32.11 1.13 -24.61
N ASP A 61 -31.91 -0.19 -24.68
CA ASP A 61 -32.99 -1.21 -24.79
C ASP A 61 -33.89 -1.15 -23.54
N VAL A 62 -33.34 -1.47 -22.36
CA VAL A 62 -34.09 -1.52 -21.07
C VAL A 62 -34.80 -0.17 -20.87
N ILE A 63 -34.05 0.92 -20.94
CA ILE A 63 -34.55 2.32 -20.83
C ILE A 63 -35.81 2.46 -21.70
N ASN A 64 -35.67 2.26 -23.02
CA ASN A 64 -36.75 2.38 -24.04
C ASN A 64 -37.89 1.39 -23.75
N ALA A 65 -37.59 0.15 -23.39
CA ALA A 65 -38.57 -0.95 -23.22
C ALA A 65 -39.29 -0.86 -21.87
N ALA A 66 -38.76 -0.12 -20.89
CA ALA A 66 -39.36 0.04 -19.55
C ALA A 66 -40.26 1.29 -19.55
N GLU A 67 -41.59 1.11 -19.43
CA GLU A 67 -42.60 2.20 -19.62
C GLU A 67 -43.19 2.66 -18.28
N LYS A 68 -42.37 2.78 -17.24
CA LYS A 68 -42.74 3.44 -15.95
C LYS A 68 -41.48 4.08 -15.32
N LEU A 69 -40.35 3.39 -15.39
CA LEU A 69 -39.02 3.89 -14.95
C LEU A 69 -38.89 5.41 -15.15
N GLN A 70 -38.68 6.16 -14.06
CA GLN A 70 -38.45 7.63 -14.04
C GLN A 70 -37.00 7.93 -13.61
N VAL A 71 -36.41 7.14 -12.70
CA VAL A 71 -35.02 7.38 -12.18
C VAL A 71 -34.22 6.07 -12.12
N VAL A 72 -32.95 6.14 -12.51
CA VAL A 72 -31.97 5.03 -12.33
C VAL A 72 -30.87 5.50 -11.37
N GLY A 73 -30.66 4.74 -10.29
CA GLY A 73 -29.66 5.06 -9.26
C GLY A 73 -28.51 4.07 -9.33
N ARG A 74 -27.27 4.55 -9.36
CA ARG A 74 -26.07 3.71 -9.26
C ARG A 74 -25.45 3.92 -7.87
N ALA A 75 -25.36 2.85 -7.08
CA ALA A 75 -24.63 2.83 -5.79
C ALA A 75 -23.14 2.63 -6.14
N GLY A 76 -22.51 3.70 -6.62
CA GLY A 76 -21.12 3.71 -7.10
C GLY A 76 -20.81 4.97 -7.89
N THR A 77 -19.65 5.00 -8.53
CA THR A 77 -19.09 6.21 -9.18
C THR A 77 -19.22 6.04 -10.70
N GLY A 78 -19.53 7.13 -11.41
CA GLY A 78 -19.70 7.10 -12.88
C GLY A 78 -20.87 6.22 -13.30
N VAL A 79 -21.10 6.12 -14.60
CA VAL A 79 -22.35 5.55 -15.18
C VAL A 79 -22.00 4.61 -16.35
N ASP A 80 -20.88 3.89 -16.25
CA ASP A 80 -20.38 2.96 -17.29
C ASP A 80 -21.52 2.03 -17.72
N ASN A 81 -22.28 1.53 -16.74
CA ASN A 81 -23.28 0.44 -16.94
C ASN A 81 -24.67 1.04 -17.18
N VAL A 82 -24.77 2.34 -17.47
CA VAL A 82 -26.04 3.07 -17.76
C VAL A 82 -25.87 3.92 -19.02
N ASP A 83 -26.60 3.61 -20.10
CA ASP A 83 -26.61 4.42 -21.36
C ASP A 83 -27.23 5.79 -21.05
N LEU A 84 -26.39 6.76 -20.69
CA LEU A 84 -26.81 8.11 -20.20
C LEU A 84 -27.34 8.95 -21.37
N GLU A 85 -26.85 8.70 -22.59
CA GLU A 85 -27.36 9.31 -23.85
C GLU A 85 -28.84 8.96 -24.00
N ALA A 86 -29.18 7.66 -23.93
CA ALA A 86 -30.52 7.08 -24.15
C ALA A 86 -31.46 7.42 -22.96
N ALA A 87 -30.92 7.47 -21.75
CA ALA A 87 -31.67 7.81 -20.52
C ALA A 87 -32.21 9.24 -20.63
N THR A 88 -31.33 10.17 -21.01
CA THR A 88 -31.61 11.63 -21.08
C THR A 88 -32.60 11.91 -22.22
N ARG A 89 -32.48 11.14 -23.31
CA ARG A 89 -33.42 11.17 -24.47
C ARG A 89 -34.85 10.94 -23.98
N LYS A 90 -35.03 9.99 -23.07
CA LYS A 90 -36.37 9.48 -22.60
C LYS A 90 -36.82 10.23 -21.34
N GLY A 91 -36.06 11.23 -20.89
CA GLY A 91 -36.38 12.03 -19.69
C GLY A 91 -36.12 11.29 -18.38
N ILE A 92 -35.48 10.11 -18.40
CA ILE A 92 -35.15 9.31 -17.19
C ILE A 92 -33.95 9.96 -16.48
N LEU A 93 -34.14 10.36 -15.22
CA LEU A 93 -33.08 10.90 -14.32
C LEU A 93 -32.08 9.77 -13.98
N VAL A 94 -30.78 10.02 -14.16
CA VAL A 94 -29.68 9.12 -13.71
C VAL A 94 -28.96 9.79 -12.55
N MET A 95 -28.70 9.03 -11.48
CA MET A 95 -28.01 9.51 -10.25
C MET A 95 -26.92 8.52 -9.86
N ASN A 96 -25.89 8.98 -9.15
CA ASN A 96 -24.90 8.04 -8.55
C ASN A 96 -24.39 8.65 -7.25
N THR A 97 -23.42 7.97 -6.60
CA THR A 97 -23.03 8.22 -5.19
C THR A 97 -21.54 8.53 -5.14
N PRO A 98 -21.14 9.76 -5.55
CA PRO A 98 -19.74 10.07 -5.82
C PRO A 98 -18.91 10.09 -4.53
N ASN A 99 -19.52 10.56 -3.43
CA ASN A 99 -18.88 10.70 -2.10
C ASN A 99 -18.55 9.32 -1.50
N GLY A 100 -19.36 8.30 -1.78
CA GLY A 100 -19.33 7.00 -1.05
C GLY A 100 -17.99 6.27 -1.17
N ASN A 101 -17.31 6.42 -2.29
CA ASN A 101 -16.12 5.62 -2.68
C ASN A 101 -14.82 6.39 -2.49
N SER A 102 -14.92 7.70 -2.21
CA SER A 102 -13.77 8.61 -2.12
C SER A 102 -12.66 7.98 -1.28
N LEU A 103 -12.94 7.68 -0.02
CA LEU A 103 -11.91 7.22 0.94
C LEU A 103 -11.33 5.89 0.47
N SER A 104 -12.17 4.96 0.01
CA SER A 104 -11.66 3.65 -0.45
C SER A 104 -10.72 3.82 -1.63
N ALA A 105 -11.05 4.72 -2.56
CA ALA A 105 -10.26 4.99 -3.78
C ALA A 105 -8.93 5.63 -3.33
N ALA A 106 -9.00 6.59 -2.42
CA ALA A 106 -7.77 7.28 -1.93
C ALA A 106 -6.84 6.28 -1.21
N GLU A 107 -7.41 5.38 -0.39
CA GLU A 107 -6.58 4.38 0.33
C GLU A 107 -5.91 3.45 -0.66
N LEU A 108 -6.65 2.98 -1.69
CA LEU A 108 -6.05 2.08 -2.67
C LEU A 108 -4.91 2.79 -3.39
N THR A 109 -5.08 4.06 -3.75
CA THR A 109 -4.06 4.86 -4.47
C THR A 109 -2.80 4.87 -3.62
N CYS A 110 -2.93 5.22 -2.35
CA CYS A 110 -1.76 5.25 -1.42
C CYS A 110 -1.07 3.88 -1.36
N GLY A 111 -1.85 2.80 -1.25
CA GLY A 111 -1.29 1.43 -1.22
C GLY A 111 -0.55 1.15 -2.53
N MET A 112 -1.07 1.63 -3.66
CA MET A 112 -0.38 1.47 -4.98
CA MET A 112 -0.36 1.44 -4.96
C MET A 112 0.96 2.21 -4.99
N ILE A 113 1.01 3.42 -4.45
CA ILE A 113 2.27 4.17 -4.35
C ILE A 113 3.30 3.39 -3.52
N MET A 114 2.94 2.91 -2.33
CA MET A 114 3.83 2.07 -1.46
C MET A 114 4.28 0.83 -2.23
N CYS A 115 3.36 0.22 -2.95
CA CYS A 115 3.65 -1.02 -3.73
C CYS A 115 4.67 -0.74 -4.83
N LEU A 116 4.55 0.39 -5.52
CA LEU A 116 5.52 0.78 -6.57
C LEU A 116 6.88 1.06 -5.94
N ALA A 117 6.90 1.80 -4.82
CA ALA A 117 8.15 2.18 -4.13
C ALA A 117 8.93 0.93 -3.72
N ARG A 118 8.28 -0.12 -3.21
CA ARG A 118 9.00 -1.27 -2.59
C ARG A 118 8.78 -2.58 -3.35
N GLN A 119 8.11 -2.56 -4.51
CA GLN A 119 7.90 -3.78 -5.33
C GLN A 119 7.31 -4.92 -4.51
N ILE A 120 6.30 -4.64 -3.67
CA ILE A 120 5.75 -5.64 -2.73
C ILE A 120 5.06 -6.74 -3.53
N PRO A 121 4.23 -6.44 -4.57
CA PRO A 121 3.59 -7.51 -5.33
C PRO A 121 4.61 -8.46 -5.99
N GLN A 122 5.67 -7.88 -6.54
CA GLN A 122 6.77 -8.64 -7.21
C GLN A 122 7.50 -9.51 -6.20
N ALA A 123 7.77 -8.98 -5.01
CA ALA A 123 8.45 -9.69 -3.91
C ALA A 123 7.64 -10.87 -3.41
N THR A 124 6.32 -10.71 -3.20
CA THR A 124 5.45 -11.80 -2.79
C THR A 124 5.46 -12.89 -3.89
N ALA A 125 5.37 -12.51 -5.17
CA ALA A 125 5.33 -13.49 -6.27
C ALA A 125 6.65 -14.28 -6.23
N SER A 126 7.77 -13.59 -6.03
CA SER A 126 9.14 -14.19 -6.00
C SER A 126 9.24 -15.18 -4.82
N MET A 127 8.77 -14.80 -3.64
CA MET A 127 8.70 -15.71 -2.46
C MET A 127 7.83 -16.92 -2.76
N LYS A 128 6.64 -16.74 -3.34
CA LYS A 128 5.71 -17.82 -3.64
C LYS A 128 6.27 -18.74 -4.74
N ASP A 129 7.21 -18.24 -5.53
CA ASP A 129 7.90 -19.05 -6.57
C ASP A 129 9.06 -19.83 -5.93
N GLY A 130 9.24 -19.73 -4.61
CA GLY A 130 10.32 -20.44 -3.87
C GLY A 130 11.65 -19.71 -3.89
N LYS A 131 11.69 -18.47 -4.34
CA LYS A 131 12.97 -17.72 -4.47
C LYS A 131 13.19 -16.83 -3.25
N TRP A 132 14.46 -16.56 -2.99
CA TRP A 132 14.97 -15.55 -2.03
C TRP A 132 15.85 -14.56 -2.82
N GLU A 133 15.30 -13.49 -3.40
CA GLU A 133 16.07 -12.65 -4.36
C GLU A 133 16.33 -11.25 -3.80
N ARG A 134 16.90 -11.17 -2.61
CA ARG A 134 17.11 -9.88 -1.89
C ARG A 134 17.72 -8.85 -2.84
N LYS A 135 18.77 -9.24 -3.60
CA LYS A 135 19.54 -8.34 -4.51
C LYS A 135 18.59 -7.75 -5.55
N LYS A 136 17.89 -8.60 -6.30
CA LYS A 136 16.95 -8.19 -7.38
C LYS A 136 16.11 -6.99 -6.93
N PHE A 137 15.83 -6.85 -5.62
CA PHE A 137 15.01 -5.74 -5.09
C PHE A 137 15.91 -4.69 -4.46
N MET A 138 15.74 -3.49 -4.99
CA MET A 138 16.21 -2.24 -4.39
C MET A 138 15.05 -1.28 -4.53
N GLY A 139 14.47 -0.83 -3.42
CA GLY A 139 13.32 0.06 -3.43
C GLY A 139 13.69 1.49 -3.20
N THR A 140 12.68 2.33 -3.05
CA THR A 140 12.80 3.78 -2.91
C THR A 140 12.12 4.21 -1.61
N GLU A 141 12.76 5.08 -0.84
CA GLU A 141 12.16 5.72 0.34
C GLU A 141 11.30 6.89 -0.16
N LEU A 142 10.08 7.05 0.35
CA LEU A 142 9.17 8.10 -0.14
C LEU A 142 9.54 9.44 0.45
N ASN A 143 10.08 9.44 1.67
CA ASN A 143 10.36 10.70 2.38
C ASN A 143 11.20 11.61 1.46
N GLY A 144 10.77 12.86 1.28
CA GLY A 144 11.38 13.92 0.49
C GLY A 144 11.14 13.81 -1.02
N LYS A 145 10.47 12.77 -1.51
CA LYS A 145 10.15 12.60 -2.95
C LYS A 145 8.94 13.47 -3.31
N THR A 146 8.77 13.74 -4.59
CA THR A 146 7.66 14.60 -5.05
C THR A 146 6.57 13.73 -5.66
N LEU A 147 5.34 14.00 -5.29
CA LEU A 147 4.15 13.32 -5.85
C LEU A 147 3.36 14.39 -6.59
N GLY A 148 3.13 14.19 -7.88
CA GLY A 148 2.21 15.05 -8.65
C GLY A 148 0.81 14.49 -8.61
N ILE A 149 -0.15 15.31 -8.24
CA ILE A 149 -1.59 14.93 -8.13
C ILE A 149 -2.38 15.73 -9.17
N LEU A 150 -2.84 15.05 -10.22
CA LEU A 150 -3.65 15.72 -11.28
C LEU A 150 -5.10 15.45 -10.94
N GLY A 151 -5.80 16.50 -10.59
CA GLY A 151 -7.15 16.48 -10.04
C GLY A 151 -7.17 16.53 -8.54
N LEU A 152 -7.77 17.59 -7.97
CA LEU A 152 -7.71 17.95 -6.55
C LEU A 152 -9.13 18.11 -6.02
N GLY A 153 -10.01 17.21 -6.48
CA GLY A 153 -11.33 17.01 -5.87
C GLY A 153 -11.22 16.17 -4.61
N ARG A 154 -12.31 15.46 -4.31
N ARG A 154 -12.26 15.43 -4.23
CA ARG A 154 -12.51 14.56 -3.13
CA ARG A 154 -12.25 14.74 -2.91
C ARG A 154 -11.27 13.68 -2.93
C ARG A 154 -11.16 13.67 -2.89
N ILE A 155 -10.96 12.90 -3.95
CA ILE A 155 -9.94 11.81 -3.89
C ILE A 155 -8.55 12.41 -3.87
N GLY A 156 -8.22 13.32 -4.80
CA GLY A 156 -6.86 13.88 -4.89
C GLY A 156 -6.42 14.50 -3.57
N ARG A 157 -7.31 15.19 -2.87
CA ARG A 157 -6.96 15.86 -1.60
C ARG A 157 -6.79 14.83 -0.46
N GLU A 158 -7.56 13.75 -0.46
CA GLU A 158 -7.38 12.64 0.54
C GLU A 158 -6.04 11.95 0.29
N VAL A 159 -5.66 11.73 -0.96
CA VAL A 159 -4.35 11.12 -1.29
C VAL A 159 -3.26 12.07 -0.76
N ALA A 160 -3.36 13.35 -1.12
CA ALA A 160 -2.42 14.39 -0.68
C ALA A 160 -2.17 14.29 0.83
N THR A 161 -3.18 14.40 1.67
CA THR A 161 -2.92 14.52 3.13
C THR A 161 -2.27 13.25 3.68
N ARG A 162 -2.57 12.08 3.11
CA ARG A 162 -1.98 10.82 3.60
C ARG A 162 -0.52 10.79 3.14
N MET A 163 -0.22 11.17 1.91
CA MET A 163 1.18 10.98 1.42
C MET A 163 2.08 12.10 2.01
N GLN A 164 1.50 13.22 2.40
CA GLN A 164 2.20 14.27 3.19
C GLN A 164 2.77 13.66 4.47
N SER A 165 2.11 12.67 5.06
CA SER A 165 2.52 12.10 6.37
C SER A 165 3.82 11.29 6.17
N PHE A 166 4.14 10.98 4.93
CA PHE A 166 5.33 10.17 4.54
C PHE A 166 6.48 11.14 4.25
N GLY A 167 6.22 12.43 4.38
CA GLY A 167 7.14 13.51 4.00
C GLY A 167 7.33 13.61 2.50
N MET A 168 6.32 13.25 1.72
CA MET A 168 6.32 13.54 0.28
C MET A 168 5.96 15.01 0.08
N LYS A 169 6.58 15.68 -0.86
CA LYS A 169 6.07 16.97 -1.36
C LYS A 169 4.92 16.69 -2.33
N THR A 170 3.78 17.32 -2.13
CA THR A 170 2.58 17.12 -2.99
C THR A 170 2.36 18.43 -3.79
N ILE A 171 2.50 18.31 -5.11
CA ILE A 171 2.25 19.38 -6.11
C ILE A 171 1.17 18.86 -7.05
N GLY A 172 0.54 19.71 -7.81
CA GLY A 172 -0.46 19.22 -8.76
C GLY A 172 -1.18 20.33 -9.50
N TYR A 173 -2.33 19.98 -10.07
CA TYR A 173 -3.08 20.89 -10.95
C TYR A 173 -4.53 20.44 -10.97
N ASP A 174 -5.41 21.42 -10.96
CA ASP A 174 -6.85 21.27 -11.18
C ASP A 174 -7.33 22.59 -11.81
N PRO A 175 -8.12 22.57 -12.91
CA PRO A 175 -8.54 23.81 -13.54
C PRO A 175 -9.60 24.55 -12.73
N ILE A 176 -10.28 23.90 -11.80
CA ILE A 176 -11.39 24.50 -11.01
C ILE A 176 -10.94 24.90 -9.59
N ILE A 177 -9.96 24.22 -9.01
CA ILE A 177 -9.55 24.47 -7.60
C ILE A 177 -8.47 25.55 -7.65
N SER A 178 -8.68 26.64 -6.90
CA SER A 178 -7.73 27.79 -6.85
C SER A 178 -6.45 27.35 -6.15
N PRO A 179 -5.28 27.91 -6.54
CA PRO A 179 -4.03 27.64 -5.81
C PRO A 179 -4.15 27.87 -4.30
N GLU A 180 -5.00 28.81 -3.86
CA GLU A 180 -5.13 29.17 -2.44
C GLU A 180 -5.87 28.06 -1.70
N VAL A 181 -6.97 27.56 -2.29
CA VAL A 181 -7.71 26.40 -1.74
C VAL A 181 -6.80 25.18 -1.71
N SER A 182 -6.05 24.87 -2.76
CA SER A 182 -5.23 23.61 -2.73
C SER A 182 -4.16 23.79 -1.65
N ALA A 183 -3.65 25.00 -1.46
CA ALA A 183 -2.59 25.25 -0.44
C ALA A 183 -3.08 24.86 0.97
N SER A 184 -4.38 25.04 1.26
CA SER A 184 -4.98 24.77 2.57
C SER A 184 -4.95 23.25 2.87
N PHE A 185 -4.81 22.38 1.86
CA PHE A 185 -4.60 20.93 2.10
C PHE A 185 -3.24 20.51 1.56
N GLY A 186 -2.31 21.47 1.45
CA GLY A 186 -0.87 21.19 1.25
C GLY A 186 -0.46 20.81 -0.14
N VAL A 187 -1.27 21.12 -1.16
CA VAL A 187 -0.92 20.82 -2.57
C VAL A 187 -0.54 22.12 -3.29
N GLN A 188 0.71 22.22 -3.71
CA GLN A 188 1.20 23.37 -4.48
C GLN A 188 0.78 23.21 -5.95
N GLN A 189 -0.05 24.13 -6.46
CA GLN A 189 -0.43 24.13 -7.91
C GLN A 189 0.57 24.93 -8.71
N LEU A 190 0.99 24.31 -9.82
CA LEU A 190 1.86 24.87 -10.84
C LEU A 190 1.26 24.54 -12.20
N PRO A 191 1.66 25.28 -13.25
CA PRO A 191 1.38 24.87 -14.62
C PRO A 191 1.86 23.43 -14.91
N LEU A 192 1.11 22.67 -15.72
CA LEU A 192 1.44 21.25 -16.02
C LEU A 192 2.85 21.15 -16.53
N GLU A 193 3.31 22.08 -17.37
CA GLU A 193 4.66 22.00 -17.96
C GLU A 193 5.70 22.06 -16.85
N GLU A 194 5.36 22.67 -15.71
CA GLU A 194 6.32 22.77 -14.57
C GLU A 194 6.20 21.54 -13.65
N ILE A 195 5.04 20.89 -13.63
N ILE A 195 5.03 20.89 -13.60
CA ILE A 195 4.78 19.66 -12.80
CA ILE A 195 4.78 19.66 -12.79
C ILE A 195 5.61 18.49 -13.32
C ILE A 195 5.63 18.50 -13.32
N TRP A 196 5.55 18.16 -14.61
CA TRP A 196 6.15 16.90 -15.14
C TRP A 196 7.59 16.72 -14.68
N PRO A 197 8.54 17.67 -14.88
CA PRO A 197 9.96 17.36 -14.59
C PRO A 197 10.25 17.27 -13.07
N LEU A 198 9.30 17.65 -12.21
CA LEU A 198 9.55 17.68 -10.74
C LEU A 198 9.16 16.35 -10.11
N CYS A 199 8.36 15.52 -10.79
CA CYS A 199 7.70 14.37 -10.10
C CYS A 199 8.56 13.11 -10.11
N ASP A 200 8.62 12.43 -8.96
CA ASP A 200 9.02 11.02 -8.75
C ASP A 200 7.84 10.08 -8.97
N PHE A 201 6.64 10.54 -8.58
CA PHE A 201 5.40 9.74 -8.67
C PHE A 201 4.32 10.66 -9.21
N ILE A 202 3.49 10.14 -10.13
CA ILE A 202 2.32 10.89 -10.63
C ILE A 202 1.06 10.07 -10.41
N THR A 203 -0.01 10.71 -9.93
CA THR A 203 -1.28 9.99 -9.68
C THR A 203 -2.40 10.83 -10.28
N VAL A 204 -3.34 10.20 -10.99
CA VAL A 204 -4.47 10.94 -11.64
C VAL A 204 -5.78 10.70 -10.89
N HIS A 205 -6.55 11.77 -10.69
CA HIS A 205 -7.81 11.77 -9.91
C HIS A 205 -8.81 12.73 -10.59
N THR A 206 -8.94 12.59 -11.89
CA THR A 206 -9.79 13.47 -12.73
C THR A 206 -10.97 12.64 -13.21
N PRO A 207 -12.05 13.31 -13.66
CA PRO A 207 -13.07 12.61 -14.43
C PRO A 207 -12.45 12.21 -15.78
N LEU A 208 -13.13 11.39 -16.56
CA LEU A 208 -12.74 11.01 -17.94
C LEU A 208 -13.51 11.98 -18.86
N LEU A 209 -12.80 12.86 -19.53
CA LEU A 209 -13.32 13.91 -20.43
C LEU A 209 -12.40 13.90 -21.62
N PRO A 210 -12.77 14.57 -22.74
CA PRO A 210 -11.87 14.65 -23.87
C PRO A 210 -10.52 15.21 -23.42
N SER A 211 -10.56 16.21 -22.53
CA SER A 211 -9.40 16.98 -22.06
C SER A 211 -8.50 16.08 -21.21
N THR A 212 -9.05 15.02 -20.60
CA THR A 212 -8.27 14.08 -19.74
C THR A 212 -8.08 12.71 -20.38
N THR A 213 -8.52 12.49 -21.62
CA THR A 213 -8.26 11.22 -22.34
C THR A 213 -6.84 11.27 -22.87
N GLY A 214 -5.99 10.39 -22.38
CA GLY A 214 -4.54 10.47 -22.65
C GLY A 214 -3.94 11.75 -22.07
N LEU A 215 -4.38 12.19 -20.88
CA LEU A 215 -3.71 13.24 -20.06
C LEU A 215 -2.21 12.92 -19.94
N LEU A 216 -1.89 11.67 -19.62
CA LEU A 216 -0.50 11.15 -19.70
C LEU A 216 -0.37 10.51 -21.09
N ASN A 217 0.54 11.01 -21.90
CA ASN A 217 0.73 10.55 -23.29
C ASN A 217 2.23 10.64 -23.59
N ASP A 218 2.61 10.43 -24.86
CA ASP A 218 4.04 10.51 -25.26
C ASP A 218 4.61 11.90 -24.97
N ASN A 219 3.82 12.97 -25.09
CA ASN A 219 4.31 14.38 -24.93
C ASN A 219 4.60 14.62 -23.43
N THR A 220 3.72 14.16 -22.54
CA THR A 220 3.90 14.39 -21.09
C THR A 220 5.03 13.47 -20.60
N PHE A 221 5.09 12.21 -21.00
CA PHE A 221 6.19 11.31 -20.55
C PHE A 221 7.55 11.89 -20.96
N ALA A 222 7.62 12.60 -22.11
CA ALA A 222 8.84 13.25 -22.60
C ALA A 222 9.34 14.32 -21.63
N GLN A 223 8.43 14.92 -20.86
CA GLN A 223 8.71 16.04 -19.96
C GLN A 223 9.06 15.51 -18.55
N CYS A 224 8.77 14.25 -18.24
CA CYS A 224 8.92 13.66 -16.86
C CYS A 224 10.39 13.38 -16.58
N LYS A 225 10.73 13.22 -15.30
CA LYS A 225 12.06 12.65 -14.94
C LYS A 225 12.14 11.23 -15.42
N LYS A 226 13.33 10.80 -15.80
CA LYS A 226 13.54 9.40 -16.15
C LYS A 226 13.34 8.56 -14.89
N GLY A 227 12.57 7.49 -15.00
CA GLY A 227 12.25 6.62 -13.86
C GLY A 227 10.97 7.04 -13.13
N VAL A 228 10.19 8.01 -13.63
CA VAL A 228 8.89 8.39 -12.98
C VAL A 228 8.06 7.11 -12.79
N ARG A 229 7.22 7.11 -11.75
CA ARG A 229 6.28 6.03 -11.48
C ARG A 229 4.87 6.60 -11.50
N VAL A 230 3.94 5.89 -12.13
CA VAL A 230 2.58 6.40 -12.49
CA VAL A 230 2.59 6.46 -12.35
C VAL A 230 1.51 5.54 -11.81
N VAL A 231 0.46 6.17 -11.31
CA VAL A 231 -0.70 5.43 -10.75
C VAL A 231 -1.96 5.91 -11.46
N ASN A 232 -2.81 4.96 -11.89
CA ASN A 232 -4.19 5.28 -12.35
C ASN A 232 -5.18 4.41 -11.56
N CYS A 233 -5.74 4.97 -10.50
CA CYS A 233 -6.90 4.43 -9.78
C CYS A 233 -8.15 5.27 -10.07
N ALA A 234 -8.21 5.99 -11.18
CA ALA A 234 -9.37 6.85 -11.48
C ALA A 234 -10.24 6.22 -12.57
N ARG A 235 -9.90 6.38 -13.82
CA ARG A 235 -10.72 5.86 -14.95
C ARG A 235 -9.82 5.40 -16.06
N GLY A 236 -10.18 4.31 -16.71
CA GLY A 236 -9.37 3.79 -17.81
C GLY A 236 -9.31 4.81 -18.96
N GLY A 237 -8.13 5.05 -19.49
CA GLY A 237 -7.91 5.94 -20.64
C GLY A 237 -7.38 7.31 -20.22
N ILE A 238 -7.32 7.66 -18.94
CA ILE A 238 -6.73 8.96 -18.54
C ILE A 238 -5.24 8.83 -18.86
N VAL A 239 -4.68 7.66 -18.62
CA VAL A 239 -3.30 7.32 -19.05
C VAL A 239 -3.40 6.61 -20.39
N ASP A 240 -2.77 7.15 -21.43
CA ASP A 240 -2.75 6.51 -22.77
C ASP A 240 -1.97 5.21 -22.62
N GLU A 241 -2.62 4.05 -22.84
CA GLU A 241 -1.98 2.76 -22.47
C GLU A 241 -0.80 2.48 -23.39
N GLY A 242 -0.93 2.77 -24.69
CA GLY A 242 0.19 2.69 -25.64
C GLY A 242 1.39 3.51 -25.16
N ALA A 243 1.19 4.79 -24.81
CA ALA A 243 2.28 5.70 -24.39
C ALA A 243 2.91 5.19 -23.08
N LEU A 244 2.11 4.67 -22.16
CA LEU A 244 2.65 4.06 -20.92
C LEU A 244 3.50 2.84 -21.23
N LEU A 245 3.04 1.94 -22.11
CA LEU A 245 3.84 0.75 -22.48
C LEU A 245 5.17 1.20 -23.10
N ARG A 246 5.14 2.21 -23.99
CA ARG A 246 6.37 2.72 -24.67
C ARG A 246 7.32 3.30 -23.60
N ALA A 247 6.80 4.06 -22.65
CA ALA A 247 7.61 4.62 -21.53
C ALA A 247 8.17 3.51 -20.61
N LEU A 248 7.42 2.43 -20.38
CA LEU A 248 7.88 1.28 -19.56
C LEU A 248 9.02 0.59 -20.33
N GLN A 249 8.85 0.38 -21.63
CA GLN A 249 9.86 -0.33 -22.43
C GLN A 249 11.15 0.48 -22.54
N SER A 250 11.09 1.81 -22.66
CA SER A 250 12.28 2.68 -22.80
C SER A 250 12.94 2.91 -21.43
N GLY A 251 12.19 2.80 -20.34
CA GLY A 251 12.67 3.13 -18.99
C GLY A 251 12.37 4.56 -18.61
N GLN A 252 11.78 5.36 -19.50
CA GLN A 252 11.31 6.71 -19.11
C GLN A 252 10.39 6.55 -17.88
N CYS A 253 9.60 5.50 -17.83
CA CYS A 253 8.71 5.12 -16.68
C CYS A 253 9.23 3.82 -16.04
N ALA A 254 9.55 3.85 -14.75
CA ALA A 254 10.15 2.71 -14.02
C ALA A 254 9.04 1.80 -13.50
N GLY A 255 7.77 2.24 -13.47
CA GLY A 255 6.71 1.32 -13.06
C GLY A 255 5.37 2.03 -13.06
N ALA A 256 4.32 1.27 -13.07
CA ALA A 256 2.94 1.78 -13.05
C ALA A 256 2.09 0.87 -12.20
N ALA A 257 1.07 1.46 -11.61
CA ALA A 257 0.04 0.73 -10.87
C ALA A 257 -1.32 1.10 -11.46
N LEU A 258 -2.05 0.11 -11.98
CA LEU A 258 -3.31 0.32 -12.73
C LEU A 258 -4.44 -0.44 -12.05
N ASP A 259 -5.47 0.28 -11.61
CA ASP A 259 -6.73 -0.30 -11.11
C ASP A 259 -7.76 -0.32 -12.24
N VAL A 260 -7.55 0.42 -13.34
CA VAL A 260 -8.56 0.75 -14.38
C VAL A 260 -7.89 0.73 -15.74
N PHE A 261 -8.69 0.40 -16.77
CA PHE A 261 -8.21 0.09 -18.14
C PHE A 261 -9.26 0.63 -19.11
N THR A 262 -8.83 0.96 -20.33
CA THR A 262 -9.72 1.45 -21.41
C THR A 262 -10.78 0.39 -21.72
N GLU A 263 -10.44 -0.88 -21.61
CA GLU A 263 -11.37 -2.03 -21.78
C GLU A 263 -11.29 -2.87 -20.49
N GLU A 264 -12.43 -3.15 -19.86
CA GLU A 264 -12.47 -3.97 -18.62
C GLU A 264 -13.40 -5.17 -18.80
N PRO A 265 -12.94 -6.40 -18.55
CA PRO A 265 -11.53 -6.74 -18.37
C PRO A 265 -10.73 -6.45 -19.63
N PRO A 266 -9.43 -6.12 -19.53
CA PRO A 266 -8.65 -5.83 -20.72
C PRO A 266 -8.25 -7.08 -21.51
N ARG A 267 -8.53 -7.04 -22.83
N ARG A 267 -8.45 -7.06 -22.84
CA ARG A 267 -8.15 -8.05 -23.85
CA ARG A 267 -8.09 -8.18 -23.73
C ARG A 267 -6.66 -7.94 -24.08
C ARG A 267 -6.63 -7.97 -24.18
N ASP A 268 -6.13 -6.72 -24.21
CA ASP A 268 -4.68 -6.48 -24.47
C ASP A 268 -3.94 -6.74 -23.14
N ARG A 269 -2.90 -7.57 -23.14
CA ARG A 269 -2.29 -8.11 -21.90
C ARG A 269 -0.88 -7.55 -21.71
N ALA A 270 -0.39 -6.71 -22.63
CA ALA A 270 1.03 -6.28 -22.60
C ALA A 270 1.31 -5.46 -21.31
N LEU A 271 0.41 -4.56 -20.90
CA LEU A 271 0.69 -3.73 -19.69
C LEU A 271 0.58 -4.61 -18.46
N VAL A 272 -0.51 -5.35 -18.32
CA VAL A 272 -0.69 -6.23 -17.14
C VAL A 272 0.53 -7.15 -17.00
N ASP A 273 1.03 -7.68 -18.12
CA ASP A 273 2.09 -8.70 -18.14
C ASP A 273 3.44 -8.05 -17.89
N HIS A 274 3.58 -6.74 -17.97
CA HIS A 274 4.90 -6.09 -17.81
C HIS A 274 5.39 -6.28 -16.37
N GLU A 275 6.68 -6.59 -16.20
CA GLU A 275 7.28 -6.86 -14.87
C GLU A 275 7.12 -5.69 -13.90
N ASN A 276 7.12 -4.44 -14.40
CA ASN A 276 7.13 -3.22 -13.57
C ASN A 276 5.69 -2.72 -13.41
N VAL A 277 4.71 -3.51 -13.78
CA VAL A 277 3.28 -3.08 -13.64
C VAL A 277 2.60 -3.89 -12.56
N ILE A 278 1.97 -3.22 -11.59
N ILE A 278 1.95 -3.15 -11.66
CA ILE A 278 1.11 -3.90 -10.61
CA ILE A 278 1.09 -3.67 -10.58
C ILE A 278 -0.32 -3.45 -10.91
C ILE A 278 -0.36 -3.44 -11.02
N SER A 279 -1.29 -4.31 -10.66
CA SER A 279 -2.67 -4.18 -11.21
C SER A 279 -3.66 -4.80 -10.26
N CYS A 280 -4.88 -4.31 -10.33
CA CYS A 280 -6.04 -4.83 -9.60
C CYS A 280 -7.21 -4.76 -10.56
N PRO A 281 -8.19 -5.67 -10.40
CA PRO A 281 -9.39 -5.66 -11.25
C PRO A 281 -10.42 -4.63 -10.78
N HIS A 282 -10.06 -3.34 -10.90
CA HIS A 282 -10.96 -2.21 -10.56
C HIS A 282 -11.51 -2.37 -9.15
N LEU A 283 -10.63 -2.43 -8.16
CA LEU A 283 -10.97 -2.61 -6.73
C LEU A 283 -11.14 -1.30 -5.94
N GLY A 284 -11.03 -0.13 -6.58
CA GLY A 284 -10.99 1.17 -5.93
C GLY A 284 -12.17 1.33 -4.99
N ALA A 285 -13.33 0.82 -5.36
CA ALA A 285 -14.58 0.96 -4.53
C ALA A 285 -14.90 -0.32 -3.74
N SER A 286 -14.03 -1.33 -3.79
CA SER A 286 -14.34 -2.70 -3.29
C SER A 286 -13.91 -2.82 -1.83
N THR A 287 -14.61 -2.12 -0.94
CA THR A 287 -14.50 -2.30 0.52
C THR A 287 -15.93 -2.43 1.10
N LYS A 288 -16.09 -3.14 2.21
CA LYS A 288 -17.43 -3.35 2.80
C LYS A 288 -17.95 -2.00 3.24
N GLU A 289 -17.06 -1.12 3.68
CA GLU A 289 -17.42 0.25 4.11
C GLU A 289 -17.89 1.08 2.91
N ALA A 290 -17.16 1.11 1.79
CA ALA A 290 -17.61 1.96 0.65
C ALA A 290 -18.96 1.43 0.14
N GLN A 291 -19.11 0.10 0.10
CA GLN A 291 -20.31 -0.52 -0.52
C GLN A 291 -21.54 -0.16 0.31
N SER A 292 -21.38 -0.14 1.63
CA SER A 292 -22.44 0.23 2.60
C SER A 292 -22.73 1.73 2.51
N ARG A 293 -21.71 2.59 2.41
CA ARG A 293 -21.96 4.06 2.31
C ARG A 293 -22.66 4.41 0.98
N CYS A 294 -22.31 3.74 -0.13
CA CYS A 294 -22.94 3.98 -1.45
C CYS A 294 -24.41 3.51 -1.41
N GLY A 295 -24.68 2.31 -0.91
CA GLY A 295 -26.04 1.81 -0.62
C GLY A 295 -26.88 2.90 0.05
N GLU A 296 -26.36 3.46 1.16
CA GLU A 296 -27.04 4.47 2.00
C GLU A 296 -27.23 5.77 1.20
N GLU A 297 -26.19 6.24 0.52
CA GLU A 297 -26.16 7.56 -0.17
C GLU A 297 -27.21 7.56 -1.30
N ILE A 298 -27.42 6.44 -1.99
CA ILE A 298 -28.34 6.40 -3.16
C ILE A 298 -29.78 6.44 -2.62
N ALA A 299 -30.06 5.66 -1.56
CA ALA A 299 -31.37 5.59 -0.87
C ALA A 299 -31.75 7.00 -0.43
N VAL A 300 -30.85 7.67 0.28
CA VAL A 300 -31.01 9.05 0.79
C VAL A 300 -31.29 10.01 -0.38
N GLN A 301 -30.54 9.91 -1.48
CA GLN A 301 -30.77 10.70 -2.72
C GLN A 301 -32.21 10.44 -3.23
N PHE A 302 -32.69 9.18 -3.19
CA PHE A 302 -34.02 8.79 -3.72
C PHE A 302 -35.13 9.42 -2.87
N VAL A 303 -35.04 9.27 -1.54
CA VAL A 303 -36.08 9.75 -0.58
C VAL A 303 -36.21 11.27 -0.68
N ASP A 304 -35.11 12.01 -0.85
CA ASP A 304 -35.09 13.50 -0.97
C ASP A 304 -35.88 13.94 -2.22
N MET A 305 -35.88 13.15 -3.29
CA MET A 305 -36.62 13.47 -4.55
C MET A 305 -38.13 13.30 -4.34
N VAL A 306 -38.57 12.35 -3.50
CA VAL A 306 -40.01 12.18 -3.17
C VAL A 306 -40.47 13.35 -2.29
N LYS A 307 -39.63 13.79 -1.33
CA LYS A 307 -39.90 14.94 -0.42
C LYS A 307 -39.49 16.26 -1.10
N GLY A 308 -39.72 16.39 -2.42
CA GLY A 308 -39.30 17.55 -3.22
C GLY A 308 -37.88 17.39 -3.74
N ARG B 6 46.12 1.57 8.11
CA ARG B 6 44.64 1.43 7.99
C ARG B 6 44.30 0.67 6.70
N LYS B 7 44.28 -0.66 6.79
CA LYS B 7 43.62 -1.56 5.82
C LYS B 7 42.23 -1.88 6.36
N VAL B 8 41.19 -1.74 5.51
CA VAL B 8 39.75 -1.96 5.82
C VAL B 8 39.16 -2.92 4.78
N LEU B 9 38.69 -4.10 5.19
CA LEU B 9 37.91 -5.01 4.31
C LEU B 9 36.45 -4.57 4.36
N ILE B 10 35.63 -5.00 3.39
CA ILE B 10 34.17 -4.70 3.34
C ILE B 10 33.46 -5.95 2.78
N SER B 11 33.08 -6.87 3.67
CA SER B 11 32.59 -8.23 3.34
C SER B 11 31.12 -8.21 2.93
N ASP B 12 30.70 -7.20 2.15
CA ASP B 12 29.27 -7.02 1.77
C ASP B 12 29.12 -5.96 0.67
N SER B 13 28.09 -6.13 -0.15
CA SER B 13 27.51 -5.13 -1.09
C SER B 13 27.21 -3.83 -0.32
N LEU B 14 28.17 -2.89 -0.32
CA LEU B 14 28.11 -1.59 0.40
C LEU B 14 27.75 -0.47 -0.59
N ASP B 15 27.30 0.68 -0.08
CA ASP B 15 26.95 1.86 -0.90
C ASP B 15 28.25 2.51 -1.37
N PRO B 16 28.49 2.64 -2.70
CA PRO B 16 29.71 3.27 -3.23
C PRO B 16 30.08 4.65 -2.64
N CYS B 17 29.14 5.33 -1.98
CA CYS B 17 29.41 6.57 -1.19
C CYS B 17 30.45 6.25 -0.12
N CYS B 18 30.36 5.07 0.53
CA CYS B 18 31.10 4.67 1.75
C CYS B 18 32.62 4.57 1.49
N ARG B 19 33.04 4.18 0.29
CA ARG B 19 34.48 4.19 -0.11
C ARG B 19 34.92 5.63 -0.38
N LYS B 20 34.16 6.37 -1.20
CA LYS B 20 34.35 7.82 -1.46
C LYS B 20 34.34 8.60 -0.12
N ILE B 21 33.72 8.04 0.91
CA ILE B 21 33.81 8.47 2.34
C ILE B 21 35.17 8.02 2.90
N LEU B 22 35.42 6.71 2.86
CA LEU B 22 36.57 6.04 3.52
C LEU B 22 37.88 6.39 2.81
N GLN B 23 38.10 7.68 2.54
CA GLN B 23 39.41 8.29 2.18
C GLN B 23 39.53 9.67 2.85
N ASP B 24 38.78 9.89 3.94
CA ASP B 24 38.94 11.00 4.91
C ASP B 24 39.36 10.36 6.23
N GLY B 25 40.68 10.39 6.50
CA GLY B 25 41.38 9.33 7.24
C GLY B 25 41.74 8.20 6.28
N GLY B 26 42.69 7.34 6.65
CA GLY B 26 43.16 6.24 5.79
C GLY B 26 42.14 5.13 5.72
N LEU B 27 41.87 4.60 4.51
CA LEU B 27 40.97 3.43 4.30
C LEU B 27 41.31 2.73 2.97
N GLN B 28 42.29 1.82 2.98
CA GLN B 28 42.64 0.94 1.83
C GLN B 28 41.57 -0.17 1.76
N VAL B 29 40.60 -0.01 0.86
CA VAL B 29 39.34 -0.82 0.80
C VAL B 29 39.48 -1.89 -0.30
N VAL B 30 38.60 -2.90 -0.27
CA VAL B 30 38.39 -3.89 -1.38
C VAL B 30 37.06 -4.62 -1.13
N GLU B 31 35.97 -4.15 -1.75
CA GLU B 31 34.59 -4.66 -1.53
C GLU B 31 34.40 -6.00 -2.24
N LYS B 32 34.71 -7.11 -1.55
CA LYS B 32 34.63 -8.50 -2.08
C LYS B 32 33.45 -9.22 -1.42
N GLN B 33 32.36 -9.42 -2.16
CA GLN B 33 31.13 -10.10 -1.68
C GLN B 33 31.33 -11.63 -1.76
N ASN B 34 30.28 -12.39 -1.45
CA ASN B 34 30.10 -13.84 -1.74
C ASN B 34 31.08 -14.72 -0.93
N LEU B 35 31.93 -14.13 -0.07
CA LEU B 35 32.87 -14.89 0.82
C LEU B 35 32.09 -15.46 2.00
N LEU B 40 37.03 -17.80 1.90
CA LEU B 40 36.20 -16.85 2.71
C LEU B 40 37.10 -16.01 3.63
N ILE B 41 37.66 -16.64 4.67
CA ILE B 41 38.27 -15.97 5.86
C ILE B 41 39.67 -15.44 5.53
N ALA B 42 40.31 -15.94 4.47
CA ALA B 42 41.67 -15.55 4.04
C ALA B 42 41.66 -14.07 3.60
N GLU B 43 40.52 -13.62 3.07
CA GLU B 43 40.25 -12.23 2.62
C GLU B 43 40.89 -11.21 3.57
N LEU B 44 40.40 -11.10 4.81
CA LEU B 44 40.95 -10.18 5.84
C LEU B 44 42.31 -10.70 6.29
N GLN B 45 43.36 -10.42 5.49
CA GLN B 45 44.76 -10.83 5.75
C GLN B 45 45.29 -10.06 6.96
N ASP B 46 45.79 -8.84 6.76
CA ASP B 46 46.24 -7.92 7.84
C ASP B 46 45.60 -6.53 7.63
N CYS B 47 44.55 -6.23 8.40
CA CYS B 47 43.72 -5.00 8.28
C CYS B 47 43.20 -4.58 9.67
N GLU B 48 43.31 -3.30 10.01
CA GLU B 48 43.03 -2.76 11.38
C GLU B 48 41.97 -1.64 11.31
N GLY B 49 40.68 -2.03 11.37
CA GLY B 49 39.48 -1.16 11.37
C GLY B 49 38.50 -1.55 10.29
N LEU B 50 37.30 -2.06 10.64
CA LEU B 50 36.44 -2.84 9.69
C LEU B 50 35.01 -2.26 9.58
N ILE B 51 34.49 -2.25 8.34
CA ILE B 51 33.09 -1.91 7.94
C ILE B 51 32.45 -3.16 7.30
N VAL B 52 31.14 -3.32 7.46
CA VAL B 52 30.34 -4.47 6.94
C VAL B 52 28.88 -4.01 6.71
N ARG B 53 28.15 -4.76 5.87
CA ARG B 53 26.66 -4.72 5.74
C ARG B 53 26.13 -6.04 6.32
N SER B 54 26.05 -7.09 5.49
CA SER B 54 25.73 -8.48 5.90
C SER B 54 26.76 -9.46 5.31
N ALA B 55 27.03 -10.56 6.03
CA ALA B 55 28.08 -11.57 5.75
C ALA B 55 29.46 -10.93 5.89
N ALA B 60 34.04 -13.95 15.84
CA ALA B 60 33.75 -15.41 15.85
C ALA B 60 34.98 -16.17 15.32
N ASP B 61 34.76 -17.33 14.67
CA ASP B 61 35.76 -18.01 13.80
C ASP B 61 36.45 -16.95 12.93
N VAL B 62 35.66 -15.97 12.45
CA VAL B 62 36.13 -14.80 11.64
C VAL B 62 37.25 -14.04 12.39
N ILE B 63 36.94 -13.35 13.49
CA ILE B 63 37.86 -12.40 14.18
C ILE B 63 38.92 -13.19 14.97
N ASN B 64 38.68 -14.49 15.22
CA ASN B 64 39.55 -15.36 16.06
C ASN B 64 40.89 -15.60 15.33
N ALA B 65 40.83 -15.92 14.04
CA ALA B 65 42.00 -16.09 13.14
C ALA B 65 42.46 -14.72 12.60
N ALA B 66 41.64 -13.68 12.76
CA ALA B 66 41.98 -12.27 12.47
C ALA B 66 43.07 -11.80 13.43
N GLU B 67 43.65 -10.63 13.17
CA GLU B 67 44.73 -10.00 13.97
C GLU B 67 44.39 -8.53 14.23
N LYS B 68 45.38 -7.73 14.65
CA LYS B 68 45.24 -6.29 14.98
C LYS B 68 44.00 -5.68 14.31
N LEU B 69 42.85 -5.74 15.00
CA LEU B 69 41.57 -5.08 14.61
C LEU B 69 41.02 -4.31 15.81
N GLN B 70 40.73 -3.02 15.65
CA GLN B 70 40.25 -2.12 16.72
C GLN B 70 38.71 -2.12 16.74
N VAL B 71 38.06 -1.48 15.77
CA VAL B 71 36.58 -1.28 15.69
C VAL B 71 36.03 -2.06 14.49
N VAL B 72 34.91 -2.77 14.69
CA VAL B 72 34.04 -3.32 13.61
C VAL B 72 32.79 -2.44 13.52
N GLY B 73 32.32 -2.21 12.29
CA GLY B 73 31.15 -1.36 12.02
C GLY B 73 30.20 -2.02 11.04
N ARG B 74 28.97 -2.29 11.45
CA ARG B 74 27.88 -2.81 10.56
C ARG B 74 26.99 -1.63 10.13
N ALA B 75 26.91 -1.39 8.82
CA ALA B 75 25.97 -0.42 8.20
C ALA B 75 24.56 -1.05 8.23
N GLY B 76 23.87 -0.91 9.36
CA GLY B 76 22.59 -1.58 9.68
C GLY B 76 22.27 -1.44 11.16
N THR B 77 21.21 -2.10 11.63
CA THR B 77 20.82 -2.08 13.06
C THR B 77 21.09 -3.45 13.68
N GLY B 78 21.24 -3.52 14.99
CA GLY B 78 21.70 -4.74 15.70
C GLY B 78 23.03 -5.23 15.14
N VAL B 79 23.36 -6.51 15.39
CA VAL B 79 24.68 -7.12 15.07
C VAL B 79 24.50 -8.61 14.74
N ASP B 80 23.33 -9.02 14.25
CA ASP B 80 22.90 -10.45 14.16
C ASP B 80 23.64 -11.18 13.03
N ASN B 81 24.87 -10.77 12.70
CA ASN B 81 25.78 -11.44 11.73
C ASN B 81 27.25 -11.30 12.18
N VAL B 82 27.49 -11.00 13.46
CA VAL B 82 28.85 -10.79 14.03
C VAL B 82 28.82 -11.16 15.52
N ASP B 83 29.71 -12.07 15.93
CA ASP B 83 29.76 -12.63 17.31
C ASP B 83 30.29 -11.54 18.25
N LEU B 84 29.40 -10.88 18.99
CA LEU B 84 29.72 -9.72 19.87
C LEU B 84 30.61 -10.16 21.04
N GLU B 85 30.49 -11.42 21.48
CA GLU B 85 31.18 -11.95 22.69
C GLU B 85 32.62 -12.34 22.33
N ALA B 86 32.84 -12.92 21.16
CA ALA B 86 34.19 -13.18 20.60
C ALA B 86 34.91 -11.85 20.42
N ALA B 87 34.22 -10.81 19.94
CA ALA B 87 34.72 -9.42 19.81
C ALA B 87 35.03 -8.84 21.20
N THR B 88 34.21 -9.17 22.22
CA THR B 88 34.44 -8.75 23.63
C THR B 88 35.53 -9.63 24.26
N ARG B 89 35.76 -10.84 23.71
CA ARG B 89 36.88 -11.76 24.08
C ARG B 89 38.22 -11.14 23.65
N LYS B 90 38.24 -10.38 22.55
CA LYS B 90 39.33 -9.44 22.15
C LYS B 90 38.98 -8.05 22.72
N GLY B 91 39.59 -6.97 22.19
CA GLY B 91 39.31 -5.59 22.65
C GLY B 91 38.15 -4.93 21.90
N ILE B 92 37.62 -5.60 20.87
CA ILE B 92 37.00 -4.98 19.65
C ILE B 92 35.65 -4.34 19.97
N LEU B 93 35.53 -3.03 19.79
CA LEU B 93 34.21 -2.32 19.87
C LEU B 93 33.44 -2.59 18.57
N VAL B 94 32.19 -3.03 18.69
CA VAL B 94 31.25 -3.18 17.55
C VAL B 94 30.36 -1.93 17.52
N MET B 95 30.46 -1.12 16.46
CA MET B 95 29.55 0.02 16.15
C MET B 95 28.45 -0.46 15.18
N ASN B 96 27.27 0.16 15.24
CA ASN B 96 26.22 0.01 14.20
C ASN B 96 25.44 1.32 14.09
N THR B 97 24.45 1.38 13.18
CA THR B 97 23.78 2.63 12.72
C THR B 97 22.28 2.52 12.97
N PRO B 98 21.82 2.75 14.23
CA PRO B 98 20.54 2.24 14.68
C PRO B 98 19.35 3.04 14.12
N ASN B 99 19.63 4.15 13.46
CA ASN B 99 18.62 5.11 12.92
C ASN B 99 18.65 5.10 11.38
N GLY B 100 19.71 4.57 10.76
CA GLY B 100 19.93 4.54 9.31
C GLY B 100 18.77 3.89 8.55
N ASN B 101 18.21 2.80 9.08
CA ASN B 101 17.24 1.95 8.34
C ASN B 101 15.81 2.26 8.80
N SER B 102 15.64 3.11 9.81
CA SER B 102 14.36 3.26 10.55
C SER B 102 13.25 3.64 9.57
N LEU B 103 13.44 4.75 8.83
CA LEU B 103 12.38 5.26 7.94
C LEU B 103 12.02 4.19 6.91
N SER B 104 13.00 3.50 6.35
CA SER B 104 12.72 2.55 5.27
C SER B 104 11.90 1.36 5.83
N ALA B 105 12.20 0.90 7.05
CA ALA B 105 11.47 -0.19 7.73
C ALA B 105 10.05 0.29 8.03
N ALA B 106 9.89 1.51 8.48
CA ALA B 106 8.55 2.04 8.84
C ALA B 106 7.70 2.13 7.57
N GLU B 107 8.29 2.67 6.50
CA GLU B 107 7.56 2.83 5.21
C GLU B 107 7.12 1.44 4.71
N LEU B 108 7.99 0.43 4.70
CA LEU B 108 7.60 -0.94 4.26
C LEU B 108 6.43 -1.45 5.12
N THR B 109 6.47 -1.21 6.43
CA THR B 109 5.44 -1.68 7.38
C THR B 109 4.09 -1.07 6.93
N CYS B 110 4.10 0.23 6.69
CA CYS B 110 2.87 0.94 6.24
C CYS B 110 2.36 0.32 4.94
N GLY B 111 3.24 0.10 3.96
CA GLY B 111 2.86 -0.55 2.71
C GLY B 111 2.28 -1.94 2.95
N MET B 112 2.81 -2.72 3.89
CA MET B 112 2.28 -4.07 4.25
CA MET B 112 2.24 -4.07 4.17
C MET B 112 0.85 -3.93 4.82
N ILE B 113 0.64 -2.92 5.64
CA ILE B 113 -0.72 -2.67 6.24
C ILE B 113 -1.72 -2.42 5.10
N MET B 114 -1.41 -1.50 4.19
N MET B 114 -1.42 -1.51 4.17
CA MET B 114 -2.28 -1.25 3.02
CA MET B 114 -2.33 -1.28 3.02
C MET B 114 -2.46 -2.50 2.16
C MET B 114 -2.47 -2.52 2.14
N CYS B 115 -1.40 -3.28 1.90
CA CYS B 115 -1.51 -4.52 1.11
C CYS B 115 -2.44 -5.53 1.80
N LEU B 116 -2.42 -5.64 3.13
CA LEU B 116 -3.29 -6.60 3.86
C LEU B 116 -4.73 -6.15 3.76
N ALA B 117 -4.96 -4.85 3.80
CA ALA B 117 -6.33 -4.27 3.74
C ALA B 117 -6.96 -4.53 2.37
N ARG B 118 -6.18 -4.42 1.28
CA ARG B 118 -6.74 -4.42 -0.10
C ARG B 118 -6.24 -5.60 -0.97
N GLN B 119 -5.43 -6.51 -0.43
CA GLN B 119 -4.83 -7.69 -1.13
C GLN B 119 -4.23 -7.31 -2.47
N ILE B 120 -3.42 -6.26 -2.52
CA ILE B 120 -2.84 -5.76 -3.79
C ILE B 120 -1.87 -6.81 -4.35
N PRO B 121 -1.00 -7.47 -3.56
CA PRO B 121 -0.12 -8.50 -4.15
C PRO B 121 -0.87 -9.70 -4.75
N GLN B 122 -1.93 -10.15 -4.09
CA GLN B 122 -2.82 -11.26 -4.54
C GLN B 122 -3.57 -10.82 -5.81
N ALA B 123 -4.07 -9.57 -5.84
CA ALA B 123 -4.79 -9.00 -6.99
C ALA B 123 -3.83 -8.94 -8.18
N THR B 124 -2.58 -8.55 -7.98
CA THR B 124 -1.63 -8.46 -9.09
C THR B 124 -1.40 -9.87 -9.64
N ALA B 125 -1.21 -10.86 -8.77
CA ALA B 125 -0.93 -12.26 -9.20
C ALA B 125 -2.13 -12.78 -9.99
N SER B 126 -3.35 -12.49 -9.52
CA SER B 126 -4.62 -12.85 -10.21
C SER B 126 -4.60 -12.24 -11.62
N MET B 127 -4.36 -10.93 -11.72
CA MET B 127 -4.40 -10.25 -13.02
C MET B 127 -3.36 -10.86 -13.95
N LYS B 128 -2.16 -11.10 -13.46
CA LYS B 128 -1.12 -11.68 -14.32
C LYS B 128 -1.48 -13.13 -14.76
N ASP B 129 -2.45 -13.78 -14.12
CA ASP B 129 -2.95 -15.13 -14.56
C ASP B 129 -4.07 -15.00 -15.59
N GLY B 130 -4.46 -13.78 -15.95
CA GLY B 130 -5.51 -13.50 -16.92
C GLY B 130 -6.85 -13.42 -16.23
N LYS B 131 -6.87 -13.39 -14.90
CA LYS B 131 -8.16 -13.33 -14.16
C LYS B 131 -8.61 -11.90 -13.90
N TRP B 132 -9.92 -11.73 -13.74
CA TRP B 132 -10.61 -10.49 -13.38
C TRP B 132 -11.53 -10.79 -12.20
N GLU B 133 -10.95 -10.80 -10.99
CA GLU B 133 -11.64 -11.38 -9.80
C GLU B 133 -12.17 -10.32 -8.85
N ARG B 134 -13.20 -9.60 -9.21
CA ARG B 134 -13.60 -8.46 -8.34
C ARG B 134 -14.16 -8.92 -6.99
N LYS B 135 -14.91 -10.05 -6.90
CA LYS B 135 -15.57 -10.39 -5.62
C LYS B 135 -14.54 -10.96 -4.63
N LYS B 136 -13.59 -11.76 -5.10
CA LYS B 136 -12.61 -12.40 -4.18
C LYS B 136 -11.94 -11.30 -3.35
N PHE B 137 -11.82 -10.09 -3.90
CA PHE B 137 -10.78 -9.14 -3.48
C PHE B 137 -11.40 -7.99 -2.72
N MET B 138 -12.67 -8.17 -2.28
CA MET B 138 -13.39 -7.26 -1.36
C MET B 138 -12.48 -6.97 -0.16
N GLY B 139 -12.18 -5.71 0.09
CA GLY B 139 -11.17 -5.32 1.11
C GLY B 139 -11.80 -4.55 2.22
N THR B 140 -10.95 -3.89 3.00
CA THR B 140 -11.35 -3.17 4.22
C THR B 140 -10.78 -1.74 4.13
N GLU B 141 -11.57 -0.79 4.53
CA GLU B 141 -11.14 0.63 4.72
C GLU B 141 -10.33 0.74 6.00
N LEU B 142 -9.16 1.42 5.98
CA LEU B 142 -8.33 1.66 7.19
C LEU B 142 -8.98 2.71 8.09
N ASN B 143 -9.56 3.74 7.51
CA ASN B 143 -10.17 4.84 8.29
C ASN B 143 -11.05 4.23 9.41
N GLY B 144 -10.83 4.64 10.67
CA GLY B 144 -11.66 4.22 11.81
C GLY B 144 -11.24 2.87 12.41
N LYS B 145 -10.23 2.17 11.84
CA LYS B 145 -9.78 0.88 12.40
C LYS B 145 -8.72 1.16 13.48
N THR B 146 -8.43 0.16 14.30
CA THR B 146 -7.45 0.25 15.39
C THR B 146 -6.18 -0.52 14.99
N LEU B 147 -5.07 0.18 15.07
CA LEU B 147 -3.71 -0.42 14.88
C LEU B 147 -3.05 -0.54 16.26
N GLY B 148 -2.64 -1.76 16.63
CA GLY B 148 -1.81 -2.02 17.81
C GLY B 148 -0.36 -2.08 17.41
N ILE B 149 0.48 -1.30 18.09
CA ILE B 149 1.92 -1.15 17.78
C ILE B 149 2.70 -1.63 19.00
N LEU B 150 3.39 -2.76 18.89
CA LEU B 150 4.20 -3.29 20.01
C LEU B 150 5.64 -2.91 19.74
N GLY B 151 6.18 -2.02 20.56
CA GLY B 151 7.48 -1.40 20.33
C GLY B 151 7.27 0.03 19.86
N LEU B 152 7.64 0.98 20.69
CA LEU B 152 7.41 2.42 20.42
C LEU B 152 8.71 3.21 20.39
N GLY B 153 9.77 2.61 19.87
CA GLY B 153 11.02 3.28 19.48
C GLY B 153 10.88 4.04 18.16
N ARG B 154 12.00 4.27 17.46
N ARG B 154 11.96 4.25 17.42
CA ARG B 154 12.04 5.08 16.22
CA ARG B 154 11.91 5.16 16.24
C ARG B 154 11.00 4.54 15.23
C ARG B 154 11.05 4.55 15.13
N ILE B 155 10.99 3.23 14.97
CA ILE B 155 10.19 2.66 13.85
C ILE B 155 8.72 2.72 14.26
N GLY B 156 8.37 2.23 15.47
CA GLY B 156 6.98 2.21 15.93
C GLY B 156 6.35 3.59 15.85
N ARG B 157 7.06 4.65 16.30
CA ARG B 157 6.47 6.00 16.28
C ARG B 157 6.29 6.50 14.85
N GLU B 158 7.20 6.14 13.95
CA GLU B 158 7.11 6.56 12.55
C GLU B 158 5.89 5.89 11.91
N VAL B 159 5.66 4.62 12.20
CA VAL B 159 4.49 3.89 11.64
C VAL B 159 3.24 4.59 12.19
N ALA B 160 3.24 4.90 13.48
CA ALA B 160 2.05 5.51 14.14
C ALA B 160 1.64 6.81 13.44
N THR B 161 2.53 7.75 13.20
CA THR B 161 2.13 9.09 12.69
C THR B 161 1.66 8.93 11.23
N ARG B 162 2.24 8.04 10.46
CA ARG B 162 1.79 7.77 9.07
C ARG B 162 0.39 7.15 9.11
N MET B 163 0.17 6.11 9.91
CA MET B 163 -1.15 5.45 9.89
C MET B 163 -2.22 6.33 10.56
N GLN B 164 -1.88 7.22 11.49
CA GLN B 164 -2.88 8.26 11.94
C GLN B 164 -3.43 9.13 10.79
N SER B 165 -2.64 9.39 9.76
CA SER B 165 -3.08 10.22 8.58
C SER B 165 -4.18 9.46 7.82
N PHE B 166 -4.31 8.14 8.04
CA PHE B 166 -5.33 7.32 7.36
C PHE B 166 -6.56 7.24 8.25
N GLY B 167 -6.54 7.91 9.40
CA GLY B 167 -7.70 7.84 10.33
C GLY B 167 -7.66 6.58 11.19
N MET B 168 -6.51 5.92 11.34
CA MET B 168 -6.43 4.75 12.24
C MET B 168 -6.20 5.27 13.66
N LYS B 169 -6.81 4.58 14.62
CA LYS B 169 -6.55 4.78 16.07
C LYS B 169 -5.32 3.94 16.37
N THR B 170 -4.31 4.52 16.99
CA THR B 170 -3.03 3.84 17.26
C THR B 170 -2.88 3.68 18.76
N ILE B 171 -2.82 2.42 19.21
CA ILE B 171 -2.63 2.09 20.64
C ILE B 171 -1.36 1.24 20.67
N GLY B 172 -0.81 0.98 21.83
CA GLY B 172 0.41 0.17 21.85
C GLY B 172 0.99 -0.05 23.21
N TYR B 173 2.22 -0.53 23.24
CA TYR B 173 2.86 -0.97 24.48
C TYR B 173 4.35 -1.00 24.22
N ASP B 174 5.08 -0.44 25.18
CA ASP B 174 6.53 -0.52 25.22
C ASP B 174 6.92 -0.44 26.70
N PRO B 175 7.72 -1.37 27.24
CA PRO B 175 8.04 -1.35 28.67
C PRO B 175 8.95 -0.16 29.06
N ILE B 176 9.68 0.42 28.10
CA ILE B 176 10.72 1.46 28.33
C ILE B 176 10.21 2.87 27.98
N ILE B 177 9.29 3.00 27.04
CA ILE B 177 8.76 4.33 26.63
C ILE B 177 7.62 4.71 27.55
N SER B 178 7.69 5.91 28.11
CA SER B 178 6.67 6.36 29.05
C SER B 178 5.38 6.60 28.30
N PRO B 179 4.23 6.53 28.98
CA PRO B 179 2.97 6.91 28.39
C PRO B 179 2.88 8.36 27.90
N GLU B 180 3.64 9.26 28.54
CA GLU B 180 3.70 10.67 28.13
C GLU B 180 4.48 10.79 26.82
N VAL B 181 5.62 10.09 26.68
CA VAL B 181 6.36 10.16 25.39
C VAL B 181 5.43 9.65 24.27
N SER B 182 4.72 8.53 24.45
CA SER B 182 3.91 7.92 23.35
C SER B 182 2.66 8.77 23.06
N ALA B 183 2.04 9.34 24.09
CA ALA B 183 0.92 10.28 23.87
C ALA B 183 1.39 11.49 23.04
N SER B 184 2.69 11.80 23.01
CA SER B 184 3.16 13.00 22.28
C SER B 184 3.16 12.70 20.76
N PHE B 185 3.12 11.42 20.34
CA PHE B 185 3.02 11.04 18.92
C PHE B 185 1.73 10.21 18.72
N GLY B 186 0.73 10.45 19.58
CA GLY B 186 -0.66 10.00 19.42
C GLY B 186 -0.85 8.51 19.59
N VAL B 187 -0.01 7.85 20.37
CA VAL B 187 -0.15 6.43 20.72
C VAL B 187 -0.51 6.31 22.20
N GLN B 188 -1.72 5.83 22.50
CA GLN B 188 -2.17 5.50 23.87
C GLN B 188 -1.62 4.14 24.27
N GLN B 189 -0.83 4.10 25.35
CA GLN B 189 -0.34 2.82 25.92
C GLN B 189 -1.39 2.21 26.85
N LEU B 190 -1.57 0.90 26.68
CA LEU B 190 -2.48 0.04 27.48
C LEU B 190 -1.71 -1.22 27.85
N PRO B 191 -2.06 -1.90 28.96
CA PRO B 191 -1.59 -3.27 29.19
C PRO B 191 -1.88 -4.17 27.98
N LEU B 192 -1.00 -5.13 27.67
CA LEU B 192 -1.20 -6.06 26.52
C LEU B 192 -2.56 -6.69 26.54
N GLU B 193 -3.06 -7.12 27.70
CA GLU B 193 -4.36 -7.83 27.79
C GLU B 193 -5.48 -6.95 27.27
N GLU B 194 -5.33 -5.64 27.37
CA GLU B 194 -6.37 -4.68 26.94
C GLU B 194 -6.17 -4.37 25.44
N ILE B 195 -4.95 -4.53 24.91
CA ILE B 195 -4.63 -4.26 23.46
C ILE B 195 -5.23 -5.32 22.55
N TRP B 196 -5.02 -6.61 22.85
CA TRP B 196 -5.41 -7.70 21.90
C TRP B 196 -6.85 -7.58 21.39
N PRO B 197 -7.87 -7.46 22.26
CA PRO B 197 -9.25 -7.47 21.80
C PRO B 197 -9.64 -6.23 20.98
N LEU B 198 -8.87 -5.14 21.04
CA LEU B 198 -9.22 -3.88 20.37
C LEU B 198 -8.72 -3.86 18.91
N CYS B 199 -7.69 -4.64 18.54
CA CYS B 199 -6.93 -4.39 17.28
C CYS B 199 -7.61 -5.00 16.07
N ASP B 200 -7.69 -4.25 14.97
CA ASP B 200 -8.00 -4.72 13.61
C ASP B 200 -6.65 -5.14 12.99
N PHE B 201 -5.58 -4.45 13.34
CA PHE B 201 -4.23 -4.74 12.79
C PHE B 201 -3.27 -4.68 13.95
N ILE B 202 -2.19 -5.48 13.87
CA ILE B 202 -1.17 -5.48 14.92
C ILE B 202 0.16 -5.50 14.19
N THR B 203 1.10 -4.65 14.62
CA THR B 203 2.43 -4.60 13.97
C THR B 203 3.48 -4.64 15.09
N VAL B 204 4.61 -5.33 14.86
CA VAL B 204 5.65 -5.51 15.92
C VAL B 204 6.93 -4.78 15.51
N HIS B 205 7.49 -4.01 16.44
CA HIS B 205 8.69 -3.18 16.22
C HIS B 205 9.57 -3.26 17.48
N THR B 206 9.86 -4.47 17.92
CA THR B 206 10.65 -4.78 19.14
C THR B 206 11.99 -5.32 18.67
N PRO B 207 12.98 -5.35 19.58
CA PRO B 207 14.12 -6.23 19.39
C PRO B 207 13.67 -7.69 19.56
N LEU B 208 14.49 -8.62 19.09
CA LEU B 208 14.31 -10.06 19.36
C LEU B 208 15.02 -10.41 20.66
N LEU B 209 14.24 -10.61 21.72
CA LEU B 209 14.70 -10.95 23.10
C LEU B 209 13.92 -12.18 23.55
N PRO B 210 14.35 -12.88 24.62
CA PRO B 210 13.51 -13.93 25.20
C PRO B 210 12.06 -13.46 25.42
N SER B 211 11.88 -12.26 25.97
CA SER B 211 10.52 -11.71 26.28
C SER B 211 9.73 -11.45 24.99
N THR B 212 10.39 -11.34 23.82
CA THR B 212 9.70 -10.98 22.55
C THR B 212 9.65 -12.16 21.59
N THR B 213 10.24 -13.32 21.95
CA THR B 213 10.20 -14.54 21.12
C THR B 213 8.82 -15.18 21.26
N GLY B 214 8.04 -15.20 20.18
CA GLY B 214 6.63 -15.61 20.26
C GLY B 214 5.83 -14.63 21.05
N LEU B 215 6.11 -13.35 20.89
CA LEU B 215 5.31 -12.26 21.46
C LEU B 215 3.85 -12.45 21.02
N LEU B 216 3.65 -12.83 19.75
CA LEU B 216 2.34 -13.24 19.20
C LEU B 216 2.35 -14.78 19.13
N ASN B 217 1.47 -15.43 19.87
CA ASN B 217 1.50 -16.91 20.04
C ASN B 217 0.07 -17.38 20.16
N ASP B 218 -0.16 -18.68 20.46
CA ASP B 218 -1.56 -19.14 20.55
C ASP B 218 -2.35 -18.39 21.63
N ASN B 219 -1.75 -18.12 22.78
CA ASN B 219 -2.41 -17.37 23.89
C ASN B 219 -2.81 -15.95 23.45
N THR B 220 -1.95 -15.25 22.71
CA THR B 220 -2.28 -13.85 22.30
C THR B 220 -3.32 -13.89 21.17
N PHE B 221 -3.19 -14.77 20.16
CA PHE B 221 -4.21 -14.87 19.08
C PHE B 221 -5.58 -15.19 19.70
N ALA B 222 -5.62 -15.94 20.81
CA ALA B 222 -6.88 -16.34 21.47
C ALA B 222 -7.64 -15.11 21.99
N GLN B 223 -6.93 -14.03 22.33
CA GLN B 223 -7.55 -12.81 22.91
C GLN B 223 -7.81 -11.78 21.79
N CYS B 224 -7.38 -12.02 20.56
CA CYS B 224 -7.55 -11.04 19.46
C CYS B 224 -9.00 -11.07 18.97
N LYS B 225 -9.34 -10.04 18.22
CA LYS B 225 -10.56 -10.05 17.37
C LYS B 225 -10.47 -11.12 16.30
N LYS B 226 -11.57 -11.82 16.05
CA LYS B 226 -11.61 -12.74 14.90
C LYS B 226 -11.40 -11.91 13.61
N GLY B 227 -10.36 -12.24 12.82
CA GLY B 227 -10.05 -11.53 11.56
C GLY B 227 -8.93 -10.50 11.71
N VAL B 228 -8.26 -10.46 12.84
CA VAL B 228 -7.09 -9.58 13.04
C VAL B 228 -6.12 -9.83 11.88
N ARG B 229 -5.42 -8.78 11.44
CA ARG B 229 -4.32 -8.90 10.44
C ARG B 229 -3.04 -8.53 11.16
N VAL B 230 -1.91 -9.18 10.84
CA VAL B 230 -0.66 -8.90 11.62
CA VAL B 230 -0.64 -9.10 11.62
C VAL B 230 0.50 -8.73 10.65
N VAL B 231 1.41 -7.85 11.04
CA VAL B 231 2.62 -7.51 10.28
C VAL B 231 3.84 -7.81 11.14
N ASN B 232 4.87 -8.40 10.53
CA ASN B 232 6.19 -8.48 11.16
C ASN B 232 7.26 -8.04 10.13
N CYS B 233 7.66 -6.80 10.22
CA CYS B 233 8.80 -6.20 9.49
C CYS B 233 9.96 -5.95 10.47
N ALA B 234 10.01 -6.66 11.59
CA ALA B 234 10.96 -6.38 12.70
C ALA B 234 12.03 -7.46 12.70
N ARG B 235 11.78 -8.64 13.28
CA ARG B 235 12.75 -9.76 13.28
C ARG B 235 12.04 -11.10 13.33
N GLY B 236 12.57 -12.06 12.58
CA GLY B 236 12.03 -13.42 12.54
C GLY B 236 11.97 -14.03 13.93
N GLY B 237 10.81 -14.58 14.33
CA GLY B 237 10.59 -15.24 15.63
C GLY B 237 9.72 -14.41 16.56
N ILE B 238 9.54 -13.11 16.32
CA ILE B 238 8.70 -12.32 17.26
C ILE B 238 7.28 -12.82 17.13
N VAL B 239 6.86 -13.15 15.92
CA VAL B 239 5.57 -13.85 15.71
C VAL B 239 5.87 -15.35 15.70
N ASP B 240 5.22 -16.11 16.56
CA ASP B 240 5.41 -17.58 16.59
C ASP B 240 4.80 -18.12 15.28
N GLU B 241 5.62 -18.72 14.41
CA GLU B 241 5.17 -19.04 13.03
C GLU B 241 4.15 -20.18 13.05
N GLY B 242 4.30 -21.14 13.97
CA GLY B 242 3.30 -22.23 14.16
C GLY B 242 1.98 -21.65 14.65
N ALA B 243 2.02 -20.68 15.57
CA ALA B 243 0.78 -20.08 16.10
C ALA B 243 0.09 -19.28 14.97
N LEU B 244 0.88 -18.57 14.17
CA LEU B 244 0.31 -17.72 13.11
C LEU B 244 -0.39 -18.63 12.07
N LEU B 245 0.24 -19.74 11.68
CA LEU B 245 -0.41 -20.68 10.73
C LEU B 245 -1.70 -21.23 11.32
N ARG B 246 -1.74 -21.62 12.60
CA ARG B 246 -3.00 -22.07 13.24
C ARG B 246 -4.08 -20.99 13.20
N ALA B 247 -3.73 -19.75 13.49
CA ALA B 247 -4.69 -18.63 13.43
C ALA B 247 -5.17 -18.36 11.99
N LEU B 248 -4.33 -18.48 10.99
CA LEU B 248 -4.74 -18.33 9.57
C LEU B 248 -5.68 -19.50 9.19
N GLN B 249 -5.41 -20.68 9.74
CA GLN B 249 -6.18 -21.90 9.37
C GLN B 249 -7.60 -21.79 9.93
N SER B 250 -7.79 -21.23 11.14
CA SER B 250 -9.12 -21.07 11.78
C SER B 250 -9.84 -19.81 11.29
N GLY B 251 -9.17 -18.88 10.63
CA GLY B 251 -9.74 -17.54 10.40
C GLY B 251 -9.59 -16.59 11.57
N GLN B 252 -9.03 -17.00 12.73
CA GLN B 252 -8.75 -16.05 13.84
C GLN B 252 -7.89 -14.91 13.26
N CYS B 253 -6.87 -15.24 12.45
CA CYS B 253 -6.06 -14.27 11.69
C CYS B 253 -6.50 -14.25 10.23
N ALA B 254 -6.91 -13.10 9.70
CA ALA B 254 -7.45 -12.98 8.33
C ALA B 254 -6.30 -12.84 7.33
N GLY B 255 -5.13 -12.47 7.81
CA GLY B 255 -3.97 -12.29 6.92
C GLY B 255 -2.75 -11.84 7.66
N ALA B 256 -1.58 -12.04 7.05
CA ALA B 256 -0.32 -11.63 7.68
C ALA B 256 0.60 -11.18 6.57
N ALA B 257 1.44 -10.21 6.90
CA ALA B 257 2.52 -9.73 6.03
C ALA B 257 3.84 -9.95 6.76
N LEU B 258 4.78 -10.64 6.13
CA LEU B 258 6.03 -11.01 6.83
C LEU B 258 7.21 -10.61 5.96
N ASP B 259 8.05 -9.73 6.46
CA ASP B 259 9.35 -9.38 5.83
C ASP B 259 10.45 -10.28 6.39
N VAL B 260 10.18 -11.00 7.48
CA VAL B 260 11.26 -11.65 8.26
C VAL B 260 10.75 -12.99 8.75
N PHE B 261 11.66 -13.95 8.94
CA PHE B 261 11.32 -15.35 9.23
C PHE B 261 12.33 -15.91 10.24
N THR B 262 11.91 -16.83 11.11
N THR B 262 11.87 -16.87 11.06
CA THR B 262 12.81 -17.42 12.14
CA THR B 262 12.66 -17.54 12.12
C THR B 262 14.03 -18.01 11.42
C THR B 262 13.94 -18.11 11.48
N GLU B 263 13.82 -18.61 10.25
CA GLU B 263 14.95 -19.07 9.36
C GLU B 263 14.84 -18.31 8.04
N GLU B 264 15.92 -17.64 7.62
CA GLU B 264 16.03 -16.90 6.34
C GLU B 264 17.19 -17.46 5.52
N PRO B 265 16.96 -18.01 4.31
CA PRO B 265 15.62 -18.19 3.75
C PRO B 265 14.81 -19.28 4.46
N PRO B 266 13.47 -19.14 4.58
CA PRO B 266 12.67 -20.16 5.23
C PRO B 266 12.52 -21.43 4.38
N ARG B 267 12.72 -22.59 5.01
CA ARG B 267 12.54 -23.89 4.33
C ARG B 267 11.12 -24.39 4.55
N ASP B 268 10.48 -24.04 5.67
CA ASP B 268 9.05 -24.35 5.89
C ASP B 268 8.27 -23.34 5.05
N ARG B 269 7.50 -23.82 4.09
CA ARG B 269 6.84 -22.98 3.05
C ARG B 269 5.35 -22.77 3.38
N ALA B 270 4.85 -23.34 4.47
CA ALA B 270 3.40 -23.33 4.77
C ALA B 270 2.88 -21.88 4.88
N LEU B 271 3.61 -20.99 5.56
CA LEU B 271 3.17 -19.57 5.75
C LEU B 271 3.34 -18.83 4.43
N VAL B 272 4.50 -18.86 3.80
CA VAL B 272 4.74 -18.16 2.51
C VAL B 272 3.66 -18.62 1.51
N ASP B 273 3.25 -19.90 1.52
CA ASP B 273 2.38 -20.44 0.46
C ASP B 273 0.91 -20.13 0.78
N HIS B 274 0.58 -19.68 2.00
CA HIS B 274 -0.83 -19.38 2.39
C HIS B 274 -1.38 -18.21 1.53
N GLU B 275 -2.62 -18.34 1.02
CA GLU B 275 -3.23 -17.32 0.12
C GLU B 275 -3.34 -15.95 0.82
N ASN B 276 -3.48 -15.93 2.15
CA ASN B 276 -3.66 -14.68 2.94
C ASN B 276 -2.32 -14.15 3.52
N VAL B 277 -1.19 -14.70 3.08
CA VAL B 277 0.15 -14.21 3.49
C VAL B 277 0.86 -13.49 2.34
N ILE B 278 1.25 -12.24 2.63
CA ILE B 278 2.13 -11.40 1.81
C ILE B 278 3.53 -11.51 2.39
N SER B 279 4.55 -11.53 1.58
CA SER B 279 5.94 -11.78 2.07
C SER B 279 6.93 -11.04 1.18
N CYS B 280 8.06 -10.67 1.79
CA CYS B 280 9.23 -10.08 1.08
C CYS B 280 10.45 -10.78 1.63
N PRO B 281 11.55 -10.84 0.85
CA PRO B 281 12.80 -11.45 1.34
C PRO B 281 13.66 -10.46 2.13
N HIS B 282 13.12 -10.04 3.28
CA HIS B 282 13.76 -9.14 4.25
C HIS B 282 14.23 -7.88 3.55
N LEU B 283 13.29 -7.12 3.02
CA LEU B 283 13.55 -5.86 2.27
C LEU B 283 13.41 -4.59 3.08
N GLY B 284 13.15 -4.65 4.39
CA GLY B 284 12.88 -3.47 5.24
C GLY B 284 13.96 -2.40 5.13
N ALA B 285 15.24 -2.79 4.96
CA ALA B 285 16.32 -1.77 4.86
C ALA B 285 16.83 -1.65 3.40
N SER B 286 16.19 -2.31 2.44
CA SER B 286 16.61 -2.37 1.02
C SER B 286 16.05 -1.19 0.20
N THR B 287 16.45 0.02 0.52
CA THR B 287 16.30 1.23 -0.32
C THR B 287 17.67 1.88 -0.52
N LYS B 288 17.83 2.55 -1.66
CA LYS B 288 19.01 3.38 -1.99
C LYS B 288 19.27 4.33 -0.82
N GLU B 289 18.22 4.95 -0.26
CA GLU B 289 18.35 6.04 0.75
C GLU B 289 18.84 5.45 2.08
N ALA B 290 18.34 4.28 2.48
CA ALA B 290 18.73 3.66 3.77
C ALA B 290 20.20 3.20 3.67
N GLN B 291 20.53 2.59 2.55
CA GLN B 291 21.86 1.96 2.30
C GLN B 291 22.92 3.07 2.23
N SER B 292 22.54 4.23 1.68
CA SER B 292 23.39 5.44 1.64
C SER B 292 23.51 6.05 3.05
N ARG B 293 22.40 6.21 3.78
CA ARG B 293 22.34 6.83 5.13
C ARG B 293 23.13 6.01 6.17
N CYS B 294 23.13 4.68 6.05
CA CYS B 294 23.85 3.75 6.98
C CYS B 294 25.36 3.81 6.68
N GLY B 295 25.72 3.87 5.39
CA GLY B 295 27.11 3.95 4.90
C GLY B 295 27.83 5.17 5.46
N GLU B 296 27.07 6.23 5.77
CA GLU B 296 27.58 7.56 6.20
C GLU B 296 27.42 7.75 7.72
N GLU B 297 26.38 7.19 8.34
CA GLU B 297 26.16 7.30 9.81
C GLU B 297 27.29 6.53 10.52
N ILE B 298 27.82 5.49 9.85
CA ILE B 298 28.91 4.63 10.38
C ILE B 298 30.25 5.38 10.28
N ALA B 299 30.46 6.14 9.20
CA ALA B 299 31.61 7.05 9.00
C ALA B 299 31.70 8.06 10.16
N VAL B 300 30.62 8.80 10.42
CA VAL B 300 30.58 9.89 11.45
C VAL B 300 30.85 9.29 12.85
N GLN B 301 30.37 8.07 13.12
CA GLN B 301 30.67 7.33 14.39
C GLN B 301 32.19 7.05 14.49
N PHE B 302 32.78 6.50 13.41
CA PHE B 302 34.24 6.26 13.23
C PHE B 302 35.01 7.61 13.24
N VAL B 303 34.82 8.39 12.16
CA VAL B 303 35.58 9.63 11.80
C VAL B 303 35.24 10.75 12.79
N ASP B 304 34.40 10.49 13.81
CA ASP B 304 34.23 11.38 14.98
C ASP B 304 34.17 10.53 16.25
N MET B 305 35.32 9.95 16.64
CA MET B 305 35.50 9.13 17.87
C MET B 305 34.88 9.85 19.07
C1 ONV C . -5.98 20.13 -19.16
C2 ONV C . -5.92 19.43 -20.51
C3 ONV C . -5.38 19.21 -18.11
C4 ONV C . -6.91 18.38 -16.35
C5 ONV C . -6.16 18.15 -15.21
C6 ONV C . -8.24 18.50 -16.33
C7 ONV C . -8.87 18.34 -15.15
C8 ONV C . -8.14 18.08 -14.01
C9 ONV C . -6.75 18.01 -14.01
C10 ONV C . -10.29 18.24 -13.54
C11 ONV C . -9.04 18.07 -12.99
C12 ONV C . -11.54 18.28 -12.80
C13 ONV C . -12.60 18.38 -10.64
C14 ONV C . -13.02 16.95 -10.40
C15 ONV C . -12.00 16.02 -10.10
C16 ONV C . -12.31 14.70 -9.87
C17 ONV C . -13.63 14.23 -9.87
O5 ONV C . -14.88 12.30 -10.30
C20 ONV C . -13.92 12.74 -9.58
O4 ONV C . -13.29 11.99 -8.66
C18 ONV C . -14.65 15.16 -10.21
C19 ONV C . -14.34 16.50 -10.49
C21 ONV C . -12.18 18.91 -9.28
O6 ONV C . -11.87 20.30 -9.36
N2 ONV C . -11.43 18.41 -11.51
O3 ONV C . -12.57 18.30 -13.43
CL ONV C . -4.39 18.00 -15.44
N11 ONV C . -10.21 18.42 -14.87
O2 ONV C . -6.44 18.45 -17.62
N ONV C . -4.59 19.90 -20.92
O1 ONV C . -5.05 21.20 -19.13
C ONV C . -4.17 20.96 -20.26
O ONV C . -3.24 21.71 -20.55
C1 EDO D . -3.89 -4.00 -19.86
O1 EDO D . -2.71 -4.71 -20.32
C2 EDO D . -4.43 -2.87 -20.69
O2 EDO D . -3.54 -2.33 -21.64
C1 EDO E . 4.91 20.58 -0.78
O1 EDO E . 4.15 19.50 -0.21
C2 EDO E . 4.13 21.47 -1.66
O2 EDO E . 2.89 21.85 -1.09
C1 EDO F . 8.51 0.46 -9.52
O1 EDO F . 9.93 0.25 -9.32
C2 EDO F . 7.73 -0.78 -9.75
O2 EDO F . 7.43 -1.48 -8.55
C1 ONV G . 6.69 -9.27 27.37
C2 ONV G . 5.78 -10.17 26.52
C3 ONV G . 7.45 -8.15 26.66
C4 ONV G . 7.36 -6.42 24.96
C5 ONV G . 6.62 -5.59 24.12
C6 ONV G . 8.69 -6.15 25.15
C7 ONV G . 9.26 -5.08 24.52
C8 ONV G . 8.50 -4.24 23.73
C9 ONV G . 7.13 -4.46 23.54
C10 ONV G . 10.58 -3.45 23.82
C11 ONV G . 9.33 -3.22 23.28
C12 ONV G . 11.77 -2.63 23.63
C13 ONV G . 12.61 -0.47 22.92
C14 ONV G . 13.18 -0.73 21.59
C15 ONV G . 12.29 -0.80 20.51
C16 ONV G . 12.76 -1.01 19.23
C17 ONV G . 14.13 -1.12 18.99
O5 ONV G . 15.70 -1.98 17.50
C20 ONV G . 14.62 -1.31 17.58
O4 ONV G . 14.03 -0.78 16.56
C18 ONV G . 15.04 -1.02 20.06
C19 ONV G . 14.57 -0.81 21.37
C21 ONV G . 12.00 0.92 22.76
O6 ONV G . 11.75 1.47 24.04
N2 ONV G . 11.53 -1.39 23.22
O3 ONV G . 12.88 -3.06 23.94
CL ONV G . 4.91 -6.00 23.96
N11 ONV G . 10.54 -4.60 24.55
O2 ONV G . 6.73 -7.53 25.56
N ONV G . 4.52 -10.08 27.26
O1 ONV G . 5.88 -8.73 28.44
C ONV G . 4.59 -9.34 28.35
O ONV G . 3.70 -9.11 29.18
C1 EDO H . 8.29 -19.50 7.20
O1 EDO H . 7.45 -20.03 8.19
C2 EDO H . 7.64 -19.19 5.90
O2 EDO H . 6.76 -20.16 5.36
C1 EDO I . -4.73 -9.95 3.12
O1 EDO I . -4.00 -11.20 3.08
C2 EDO I . -5.61 -9.82 4.29
O2 EDO I . -6.99 -10.00 4.02
#